data_4GYT
#
_entry.id   4GYT
#
_cell.length_a   51.847
_cell.length_b   85.872
_cell.length_c   103.845
_cell.angle_alpha   90.00
_cell.angle_beta   90.00
_cell.angle_gamma   90.00
#
_symmetry.space_group_name_H-M   'P 21 21 21'
#
loop_
_entity.id
_entity.type
_entity.pdbx_description
1 polymer 'uncharacterized protein'
2 non-polymer 'SODIUM ION'
3 water water
#
_entity_poly.entity_id   1
_entity_poly.type   'polypeptide(L)'
_entity_poly.pdbx_seq_one_letter_code
;GMSLDNDSLHLPKYDDFVQSISVLALTMSGSELHGIMCGYLCAGADSQGEAYIRALLNNKKDEQSRNALLSMFSVFSISQ
QQMNNFDFEFEMLLPDDDESLVTRAQAFSEWCEGFTQGLTIAGVGMEQFYEEESQDALQHLMEFAELDCESLEVGEEDER
ALMEVSEYTRMAVLRLHSDLVLHERELGDSGTTH
;
_entity_poly.pdbx_strand_id   A,B
#
# COMPACT_ATOMS: atom_id res chain seq x y z
N SER A 8 -29.82 6.42 11.35
CA SER A 8 -28.91 5.32 11.06
C SER A 8 -28.10 5.65 9.80
N LEU A 9 -27.15 4.78 9.48
CA LEU A 9 -26.24 5.00 8.35
C LEU A 9 -25.53 3.70 8.03
N HIS A 10 -25.89 3.11 6.90
CA HIS A 10 -25.47 1.74 6.58
C HIS A 10 -24.55 1.59 5.37
N LEU A 11 -23.70 0.58 5.44
CA LEU A 11 -22.82 0.23 4.32
C LEU A 11 -23.70 -0.21 3.16
N PRO A 12 -23.21 -0.10 1.93
CA PRO A 12 -23.96 -0.65 0.79
C PRO A 12 -24.02 -2.19 0.84
N LYS A 13 -24.94 -2.79 0.06
CA LYS A 13 -25.01 -4.25 -0.04
C LYS A 13 -23.65 -4.79 -0.52
N TYR A 14 -23.27 -5.98 -0.07
CA TYR A 14 -21.92 -6.48 -0.34
C TYR A 14 -21.70 -6.60 -1.85
N ASP A 15 -22.63 -7.24 -2.54
CA ASP A 15 -22.47 -7.47 -3.99
C ASP A 15 -22.50 -6.17 -4.81
N ASP A 16 -23.21 -5.15 -4.34
CA ASP A 16 -23.16 -3.85 -5.00
C ASP A 16 -21.75 -3.30 -4.89
N PHE A 17 -21.18 -3.34 -3.70
CA PHE A 17 -19.84 -2.84 -3.55
C PHE A 17 -18.85 -3.60 -4.44
N VAL A 18 -18.92 -4.92 -4.41
CA VAL A 18 -18.00 -5.73 -5.17
C VAL A 18 -18.07 -5.42 -6.67
N GLN A 19 -19.27 -5.34 -7.21
CA GLN A 19 -19.46 -4.92 -8.60
C GLN A 19 -18.89 -3.52 -8.87
N SER A 20 -19.04 -2.62 -7.92
CA SER A 20 -18.64 -1.24 -8.17
C SER A 20 -17.12 -1.14 -8.24
N ILE A 21 -16.39 -2.13 -7.69
CA ILE A 21 -14.92 -2.09 -7.78
C ILE A 21 -14.30 -3.12 -8.74
N SER A 22 -15.17 -3.86 -9.45
CA SER A 22 -14.69 -4.97 -10.26
C SER A 22 -13.73 -4.50 -11.34
N VAL A 23 -14.03 -3.34 -11.93
CA VAL A 23 -13.19 -2.83 -13.01
C VAL A 23 -11.73 -2.66 -12.58
N LEU A 24 -11.49 -2.41 -11.29
CA LEU A 24 -10.14 -2.20 -10.80
C LEU A 24 -9.31 -3.48 -10.81
N ALA A 25 -9.95 -4.61 -11.09
CA ALA A 25 -9.29 -5.91 -11.04
C ALA A 25 -8.35 -6.00 -9.84
N LEU A 26 -8.85 -5.74 -8.65
CA LEU A 26 -8.02 -5.86 -7.46
C LEU A 26 -7.71 -7.29 -7.14
N THR A 27 -6.63 -7.45 -6.36
CA THR A 27 -6.13 -8.76 -5.95
C THR A 27 -6.83 -9.29 -4.68
N MET A 28 -7.78 -8.57 -4.14
CA MET A 28 -8.34 -8.96 -2.86
C MET A 28 -9.86 -8.83 -2.90
N SER A 29 -10.52 -9.39 -1.90
CA SER A 29 -11.97 -9.37 -1.85
C SER A 29 -12.46 -8.01 -1.34
N GLY A 30 -13.73 -7.72 -1.58
CA GLY A 30 -14.37 -6.56 -0.98
C GLY A 30 -14.15 -6.52 0.52
N SER A 31 -14.30 -7.68 1.16
CA SER A 31 -14.16 -7.77 2.61
C SER A 31 -12.74 -7.46 3.03
N GLU A 32 -11.74 -7.97 2.31
CA GLU A 32 -10.37 -7.66 2.67
C GLU A 32 -10.12 -6.18 2.56
N LEU A 33 -10.63 -5.60 1.48
CA LEU A 33 -10.47 -4.20 1.24
C LEU A 33 -11.14 -3.38 2.35
N HIS A 34 -12.34 -3.77 2.75
CA HIS A 34 -12.96 -3.06 3.83
C HIS A 34 -12.17 -3.21 5.15
N GLY A 35 -11.63 -4.39 5.42
CA GLY A 35 -10.78 -4.61 6.60
C GLY A 35 -9.58 -3.66 6.57
N ILE A 36 -8.94 -3.54 5.42
CA ILE A 36 -7.84 -2.57 5.27
C ILE A 36 -8.25 -1.13 5.63
N MET A 37 -9.36 -0.67 5.07
CA MET A 37 -9.88 0.66 5.35
C MET A 37 -10.08 0.83 6.84
N CYS A 38 -10.66 -0.18 7.48
CA CYS A 38 -10.98 -0.08 8.89
C CYS A 38 -9.73 -0.10 9.80
N GLY A 39 -8.69 -0.75 9.32
CA GLY A 39 -7.36 -0.71 9.93
C GLY A 39 -6.83 0.70 9.97
N TYR A 40 -6.86 1.42 8.83
CA TYR A 40 -6.41 2.81 8.82
C TYR A 40 -7.28 3.63 9.76
N LEU A 41 -8.59 3.43 9.69
CA LEU A 41 -9.51 4.25 10.47
C LEU A 41 -9.37 3.98 11.99
N CYS A 42 -9.23 2.71 12.34
CA CYS A 42 -8.98 2.33 13.75
C CYS A 42 -7.74 3.09 14.28
N ALA A 43 -6.68 3.17 13.48
CA ALA A 43 -5.45 3.84 13.91
C ALA A 43 -5.57 5.35 13.86
N GLY A 44 -6.71 5.86 13.40
CA GLY A 44 -6.87 7.28 13.18
C GLY A 44 -6.01 7.81 12.03
N ALA A 45 -5.60 6.93 11.11
CA ALA A 45 -4.83 7.37 9.96
C ALA A 45 -5.76 7.57 8.76
N ASP A 46 -6.71 8.49 8.94
CA ASP A 46 -7.77 8.73 7.96
C ASP A 46 -7.20 9.17 6.60
N SER A 47 -6.33 10.15 6.63
N SER A 47 -6.36 10.19 6.60
CA SER A 47 -5.77 10.71 5.40
CA SER A 47 -5.80 10.67 5.34
C SER A 47 -4.89 9.69 4.65
C SER A 47 -5.04 9.55 4.64
N GLN A 48 -4.24 8.82 5.40
CA GLN A 48 -3.46 7.74 4.85
C GLN A 48 -4.31 6.68 4.21
N GLY A 49 -5.47 6.42 4.81
CA GLY A 49 -6.41 5.53 4.19
C GLY A 49 -6.92 6.06 2.85
N GLU A 50 -7.19 7.35 2.80
CA GLU A 50 -7.70 7.98 1.59
C GLU A 50 -6.66 7.91 0.48
N ALA A 51 -5.41 8.13 0.85
CA ALA A 51 -4.30 8.07 -0.09
C ALA A 51 -4.15 6.65 -0.62
N TYR A 52 -4.33 5.65 0.22
CA TYR A 52 -4.26 4.26 -0.20
C TYR A 52 -5.35 3.93 -1.24
N ILE A 53 -6.55 4.40 -0.99
CA ILE A 53 -7.63 4.19 -1.91
C ILE A 53 -7.34 4.86 -3.23
N ARG A 54 -6.87 6.11 -3.21
CA ARG A 54 -6.46 6.76 -4.45
C ARG A 54 -5.45 5.92 -5.22
N ALA A 55 -4.47 5.39 -4.49
CA ALA A 55 -3.40 4.63 -5.11
C ALA A 55 -3.87 3.37 -5.80
N LEU A 56 -4.98 2.78 -5.34
CA LEU A 56 -5.50 1.57 -5.97
C LEU A 56 -5.88 1.86 -7.40
N LEU A 57 -6.09 3.12 -7.78
CA LEU A 57 -6.44 3.37 -9.18
C LEU A 57 -5.23 3.33 -10.12
N ASN A 58 -4.02 3.23 -9.59
CA ASN A 58 -2.81 3.36 -10.39
C ASN A 58 -2.92 4.45 -11.48
N ASN A 59 -3.22 5.67 -11.02
CA ASN A 59 -3.32 6.83 -11.89
C ASN A 59 -4.36 6.79 -12.98
N LYS A 60 -5.20 5.76 -13.05
CA LYS A 60 -6.14 5.68 -14.18
C LYS A 60 -7.21 6.73 -14.02
N LYS A 61 -7.68 7.30 -15.12
CA LYS A 61 -8.59 8.45 -15.05
C LYS A 61 -9.90 8.29 -15.82
N ASP A 62 -10.12 7.13 -16.42
CA ASP A 62 -11.39 6.87 -17.12
C ASP A 62 -12.56 6.87 -16.13
N GLU A 63 -13.78 6.89 -16.68
CA GLU A 63 -15.01 7.07 -15.91
C GLU A 63 -15.34 5.88 -15.01
N GLN A 64 -15.09 4.67 -15.48
CA GLN A 64 -15.31 3.47 -14.67
C GLN A 64 -14.40 3.49 -13.44
N SER A 65 -13.10 3.64 -13.68
CA SER A 65 -12.15 3.73 -12.58
C SER A 65 -12.56 4.84 -11.62
N ARG A 66 -12.95 5.98 -12.18
CA ARG A 66 -13.38 7.10 -11.38
C ARG A 66 -14.62 6.74 -10.54
N ASN A 67 -15.57 6.01 -11.13
CA ASN A 67 -16.77 5.66 -10.39
C ASN A 67 -16.44 4.67 -9.29
N ALA A 68 -15.50 3.77 -9.58
CA ALA A 68 -14.98 2.87 -8.55
C ALA A 68 -14.39 3.65 -7.36
N LEU A 69 -13.64 4.71 -7.65
CA LEU A 69 -12.98 5.49 -6.63
C LEU A 69 -14.04 6.14 -5.75
N LEU A 70 -15.08 6.66 -6.39
CA LEU A 70 -16.13 7.36 -5.64
C LEU A 70 -16.85 6.38 -4.72
N SER A 71 -17.03 5.15 -5.18
CA SER A 71 -17.68 4.15 -4.37
C SER A 71 -16.84 3.74 -3.13
N MET A 72 -15.53 3.56 -3.32
CA MET A 72 -14.63 3.24 -2.24
C MET A 72 -14.59 4.38 -1.22
N PHE A 73 -14.55 5.62 -1.70
CA PHE A 73 -14.63 6.80 -0.82
C PHE A 73 -15.94 6.87 -0.02
N SER A 74 -17.07 6.54 -0.65
CA SER A 74 -18.36 6.50 0.06
C SER A 74 -18.32 5.46 1.19
N VAL A 75 -17.82 4.27 0.89
CA VAL A 75 -17.65 3.27 1.93
C VAL A 75 -16.71 3.71 3.02
N PHE A 76 -15.56 4.31 2.65
CA PHE A 76 -14.60 4.76 3.66
C PHE A 76 -15.26 5.78 4.58
N SER A 77 -16.04 6.68 3.98
CA SER A 77 -16.66 7.75 4.76
C SER A 77 -17.75 7.20 5.70
N ILE A 78 -18.53 6.22 5.24
CA ILE A 78 -19.53 5.58 6.10
C ILE A 78 -18.84 4.89 7.28
N SER A 79 -17.77 4.14 7.00
CA SER A 79 -16.98 3.48 8.03
C SER A 79 -16.34 4.45 9.04
N GLN A 80 -15.83 5.56 8.53
N GLN A 80 -15.83 5.57 8.55
CA GLN A 80 -15.23 6.61 9.32
CA GLN A 80 -15.22 6.57 9.41
C GLN A 80 -16.27 7.13 10.32
C GLN A 80 -16.29 7.11 10.37
N GLN A 81 -17.49 7.36 9.86
CA GLN A 81 -18.55 7.84 10.70
C GLN A 81 -19.03 6.79 11.71
N GLN A 82 -19.14 5.55 11.28
CA GLN A 82 -19.58 4.50 12.17
C GLN A 82 -18.53 4.27 13.24
N MET A 83 -17.25 4.36 12.89
CA MET A 83 -16.24 4.07 13.88
C MET A 83 -16.02 5.22 14.84
N ASN A 84 -16.34 6.45 14.41
CA ASN A 84 -16.10 7.64 15.19
C ASN A 84 -17.34 8.27 15.89
N ASN A 85 -18.52 7.68 15.71
CA ASN A 85 -19.75 8.22 16.30
C ASN A 85 -20.50 7.08 16.98
N PHE A 86 -20.56 7.11 18.30
CA PHE A 86 -21.29 6.07 19.04
C PHE A 86 -22.78 6.00 18.69
N ASP A 87 -23.30 7.04 18.05
CA ASP A 87 -24.71 7.05 17.68
C ASP A 87 -24.97 6.14 16.48
N PHE A 88 -23.92 5.65 15.82
CA PHE A 88 -24.09 4.82 14.63
C PHE A 88 -23.43 3.47 14.83
N GLU A 89 -24.16 2.40 14.54
CA GLU A 89 -23.61 1.05 14.61
C GLU A 89 -22.55 0.77 13.56
N PHE A 90 -21.43 0.27 14.05
CA PHE A 90 -20.34 -0.19 13.24
C PHE A 90 -20.61 -1.53 12.55
N GLU A 91 -20.34 -1.57 11.25
CA GLU A 91 -20.60 -2.78 10.44
C GLU A 91 -19.33 -3.26 9.77
N MET A 92 -19.18 -4.57 9.59
CA MET A 92 -18.10 -5.12 8.75
C MET A 92 -18.70 -5.48 7.39
N LEU A 93 -18.04 -5.10 6.30
CA LEU A 93 -18.58 -5.38 4.97
C LEU A 93 -18.29 -6.83 4.55
N LEU A 94 -19.34 -7.64 4.62
CA LEU A 94 -19.22 -9.08 4.47
C LEU A 94 -20.36 -9.57 3.60
N PRO A 95 -20.20 -10.73 2.99
CA PRO A 95 -21.31 -11.22 2.18
C PRO A 95 -22.59 -11.49 2.98
N ASP A 96 -23.73 -11.50 2.27
CA ASP A 96 -25.05 -11.67 2.88
C ASP A 96 -25.17 -13.05 3.50
N ASP A 97 -26.14 -13.18 4.42
CA ASP A 97 -26.31 -14.39 5.22
C ASP A 97 -26.73 -15.60 4.41
N ASP A 98 -27.30 -15.38 3.24
CA ASP A 98 -27.74 -16.48 2.39
C ASP A 98 -26.61 -17.08 1.54
N GLU A 99 -25.41 -16.50 1.58
CA GLU A 99 -24.24 -17.14 0.97
C GLU A 99 -23.79 -18.37 1.78
N SER A 100 -22.96 -19.21 1.20
CA SER A 100 -22.56 -20.46 1.86
C SER A 100 -21.70 -20.16 3.06
N LEU A 101 -21.70 -21.10 4.00
CA LEU A 101 -20.88 -20.98 5.18
C LEU A 101 -19.42 -20.80 4.78
N VAL A 102 -18.94 -21.57 3.80
CA VAL A 102 -17.53 -21.50 3.45
C VAL A 102 -17.21 -20.12 2.84
N THR A 103 -18.11 -19.58 2.02
CA THR A 103 -17.89 -18.23 1.47
C THR A 103 -17.85 -17.17 2.56
N ARG A 104 -18.73 -17.31 3.54
CA ARG A 104 -18.81 -16.29 4.57
C ARG A 104 -17.63 -16.37 5.50
N ALA A 105 -17.23 -17.58 5.85
CA ALA A 105 -16.07 -17.78 6.72
C ALA A 105 -14.78 -17.27 6.08
N GLN A 106 -14.54 -17.61 4.81
CA GLN A 106 -13.35 -17.06 4.09
C GLN A 106 -13.36 -15.54 4.11
N ALA A 107 -14.50 -14.94 3.84
CA ALA A 107 -14.60 -13.47 3.78
C ALA A 107 -14.30 -12.84 5.14
N PHE A 108 -14.79 -13.47 6.21
CA PHE A 108 -14.51 -13.03 7.56
C PHE A 108 -13.00 -13.05 7.86
N SER A 109 -12.34 -14.14 7.49
CA SER A 109 -10.92 -14.28 7.68
C SER A 109 -10.16 -13.19 6.88
N GLU A 110 -10.56 -12.97 5.65
CA GLU A 110 -9.91 -11.94 4.83
C GLU A 110 -10.14 -10.55 5.40
N TRP A 111 -11.31 -10.32 6.02
CA TRP A 111 -11.64 -9.04 6.65
C TRP A 111 -10.61 -8.81 7.74
N CYS A 112 -10.36 -9.83 8.56
CA CYS A 112 -9.38 -9.71 9.64
C CYS A 112 -7.94 -9.53 9.11
N GLU A 113 -7.61 -10.24 8.04
CA GLU A 113 -6.30 -10.09 7.45
C GLU A 113 -6.09 -8.65 6.96
N GLY A 114 -7.07 -8.09 6.26
CA GLY A 114 -7.04 -6.70 5.85
C GLY A 114 -6.89 -5.73 7.01
N PHE A 115 -7.68 -5.93 8.06
CA PHE A 115 -7.67 -5.03 9.21
C PHE A 115 -6.28 -5.03 9.91
N THR A 116 -5.77 -6.22 10.18
CA THR A 116 -4.46 -6.32 10.81
C THR A 116 -3.35 -5.71 9.92
N GLN A 117 -3.40 -5.93 8.60
CA GLN A 117 -2.41 -5.34 7.70
C GLN A 117 -2.53 -3.80 7.69
N GLY A 118 -3.75 -3.31 7.63
CA GLY A 118 -4.02 -1.87 7.75
C GLY A 118 -3.44 -1.21 9.00
N LEU A 119 -3.70 -1.82 10.14
CA LEU A 119 -3.11 -1.35 11.39
C LEU A 119 -1.60 -1.24 11.25
N THR A 120 -0.96 -2.33 10.80
CA THR A 120 0.48 -2.40 10.72
C THR A 120 1.03 -1.31 9.78
N ILE A 121 0.44 -1.19 8.61
CA ILE A 121 0.93 -0.23 7.61
C ILE A 121 0.74 1.20 8.19
N ALA A 122 -0.24 1.35 9.08
CA ALA A 122 -0.47 2.64 9.70
C ALA A 122 0.36 2.86 10.95
N GLY A 123 1.26 1.94 11.22
CA GLY A 123 2.27 2.13 12.25
C GLY A 123 1.77 1.71 13.64
N VAL A 124 0.73 0.88 13.67
CA VAL A 124 0.16 0.42 14.93
C VAL A 124 0.34 -1.08 15.13
N GLY A 125 1.04 -1.42 16.20
CA GLY A 125 1.16 -2.78 16.66
C GLY A 125 0.90 -2.89 18.17
N MET A 126 1.37 -3.99 18.76
CA MET A 126 1.05 -4.35 20.14
C MET A 126 1.37 -3.26 21.13
N GLU A 127 2.52 -2.62 20.94
CA GLU A 127 3.05 -1.64 21.89
C GLU A 127 2.26 -0.34 21.91
N GLN A 128 1.53 -0.06 20.85
CA GLN A 128 0.75 1.17 20.77
C GLN A 128 -0.52 1.13 21.63
N PHE A 129 -0.90 -0.03 22.17
CA PHE A 129 -2.17 -0.13 22.93
C PHE A 129 -1.96 -0.01 24.42
N TYR A 130 -2.80 0.78 25.07
CA TYR A 130 -2.72 0.98 26.51
C TYR A 130 -3.35 -0.20 27.27
N GLU A 131 -4.47 -0.73 26.76
CA GLU A 131 -5.24 -1.74 27.49
C GLU A 131 -4.70 -3.14 27.09
N GLU A 132 -4.72 -4.06 28.04
CA GLU A 132 -4.36 -5.46 27.80
C GLU A 132 -5.44 -6.23 27.03
N GLU A 133 -6.70 -5.88 27.29
CA GLU A 133 -7.83 -6.39 26.52
C GLU A 133 -7.58 -6.17 25.02
N SER A 134 -6.96 -5.03 24.68
CA SER A 134 -6.69 -4.69 23.26
C SER A 134 -5.60 -5.59 22.65
N GLN A 135 -4.58 -5.87 23.43
CA GLN A 135 -3.50 -6.67 22.93
C GLN A 135 -4.01 -8.09 22.73
N ASP A 136 -4.81 -8.57 23.68
CA ASP A 136 -5.43 -9.90 23.58
C ASP A 136 -6.25 -9.95 22.32
N ALA A 137 -6.97 -8.86 22.05
CA ALA A 137 -7.85 -8.84 20.91
C ALA A 137 -7.09 -8.79 19.59
N LEU A 138 -6.02 -8.00 19.53
CA LEU A 138 -5.25 -7.93 18.31
C LEU A 138 -4.74 -9.33 17.98
N GLN A 139 -4.23 -10.02 19.00
CA GLN A 139 -3.73 -11.40 18.84
C GLN A 139 -4.82 -12.32 18.29
N HIS A 140 -6.06 -12.19 18.75
CA HIS A 140 -7.14 -13.05 18.26
C HIS A 140 -7.48 -12.73 16.80
N LEU A 141 -7.45 -11.45 16.45
CA LEU A 141 -7.68 -11.05 15.06
C LEU A 141 -6.60 -11.62 14.14
N MET A 142 -5.37 -11.68 14.64
N MET A 142 -5.36 -11.66 14.61
CA MET A 142 -4.24 -12.24 13.89
CA MET A 142 -4.28 -12.26 13.82
C MET A 142 -4.44 -13.73 13.64
C MET A 142 -4.58 -13.72 13.57
N GLU A 143 -5.08 -14.40 14.60
CA GLU A 143 -5.40 -15.82 14.48
C GLU A 143 -6.59 -16.02 13.53
N PHE A 144 -7.60 -15.16 13.65
CA PHE A 144 -8.75 -15.22 12.74
C PHE A 144 -8.30 -15.07 11.29
N ALA A 145 -7.29 -14.22 11.08
CA ALA A 145 -6.74 -13.97 9.74
C ALA A 145 -6.08 -15.23 9.16
N GLU A 146 -5.63 -16.13 10.02
CA GLU A 146 -4.92 -17.34 9.62
C GLU A 146 -5.86 -18.54 9.62
N LEU A 147 -7.14 -18.28 9.76
CA LEU A 147 -8.16 -19.31 9.89
C LEU A 147 -8.37 -20.14 8.63
N ASP A 148 -8.54 -21.44 8.82
CA ASP A 148 -8.80 -22.40 7.74
C ASP A 148 -10.30 -22.61 7.61
N CYS A 149 -10.86 -22.10 6.51
N CYS A 149 -10.89 -22.11 6.53
CA CYS A 149 -12.31 -22.07 6.29
CA CYS A 149 -12.35 -22.11 6.41
C CYS A 149 -12.88 -23.41 5.84
C CYS A 149 -12.88 -23.39 5.77
N GLU A 150 -11.99 -24.33 5.47
CA GLU A 150 -12.38 -25.61 4.92
C GLU A 150 -12.67 -26.63 6.01
N SER A 151 -12.15 -26.38 7.21
CA SER A 151 -12.45 -27.24 8.36
C SER A 151 -13.89 -27.03 8.82
N LEU A 152 -14.37 -25.81 8.66
CA LEU A 152 -15.73 -25.46 9.07
C LEU A 152 -16.72 -26.43 8.46
N GLU A 153 -17.74 -26.77 9.25
CA GLU A 153 -18.72 -27.77 8.86
C GLU A 153 -20.13 -27.16 8.89
N VAL A 154 -20.90 -27.42 7.85
CA VAL A 154 -22.25 -26.87 7.75
C VAL A 154 -23.21 -27.41 8.80
N GLY A 155 -23.89 -26.49 9.47
CA GLY A 155 -24.76 -26.83 10.58
C GLY A 155 -24.72 -25.74 11.62
N GLU A 156 -25.45 -26.00 12.70
CA GLU A 156 -25.70 -25.05 13.76
C GLU A 156 -24.43 -24.63 14.49
N GLU A 157 -23.60 -25.59 14.87
CA GLU A 157 -22.40 -25.31 15.64
C GLU A 157 -21.47 -24.27 15.00
N ASP A 158 -21.08 -24.47 13.75
CA ASP A 158 -20.08 -23.59 13.16
C ASP A 158 -20.69 -22.27 12.69
N GLU A 159 -21.97 -22.29 12.30
CA GLU A 159 -22.70 -21.04 12.06
C GLU A 159 -22.62 -20.18 13.29
N ARG A 160 -22.84 -20.80 14.44
CA ARG A 160 -22.84 -20.09 15.69
C ARG A 160 -21.46 -19.60 16.01
N ALA A 161 -20.47 -20.47 15.80
CA ALA A 161 -19.05 -20.12 16.00
C ALA A 161 -18.65 -18.90 15.15
N LEU A 162 -19.04 -18.90 13.88
CA LEU A 162 -18.67 -17.81 12.98
C LEU A 162 -19.34 -16.52 13.43
N MET A 163 -20.61 -16.65 13.81
CA MET A 163 -21.41 -15.52 14.30
C MET A 163 -20.77 -14.93 15.54
N GLU A 164 -20.28 -15.77 16.44
CA GLU A 164 -19.60 -15.29 17.65
C GLU A 164 -18.25 -14.59 17.38
N VAL A 165 -17.39 -15.21 16.59
CA VAL A 165 -16.11 -14.56 16.32
C VAL A 165 -16.35 -13.28 15.53
N SER A 166 -17.34 -13.27 14.64
CA SER A 166 -17.63 -12.09 13.83
C SER A 166 -18.07 -10.93 14.74
N GLU A 167 -18.93 -11.21 15.71
CA GLU A 167 -19.39 -10.15 16.62
C GLU A 167 -18.27 -9.72 17.59
N TYR A 168 -17.49 -10.67 18.07
CA TYR A 168 -16.32 -10.35 18.86
C TYR A 168 -15.37 -9.38 18.12
N THR A 169 -15.10 -9.66 16.85
CA THR A 169 -14.22 -8.83 16.02
C THR A 169 -14.85 -7.44 15.84
N ARG A 170 -16.15 -7.40 15.62
CA ARG A 170 -16.79 -6.12 15.38
C ARG A 170 -16.59 -5.19 16.58
N MET A 171 -16.80 -5.73 17.78
N MET A 171 -16.80 -5.70 17.79
CA MET A 171 -16.68 -4.97 19.04
CA MET A 171 -16.64 -4.87 18.99
C MET A 171 -15.23 -4.67 19.41
C MET A 171 -15.18 -4.60 19.28
N ALA A 172 -14.34 -5.59 19.08
CA ALA A 172 -12.93 -5.44 19.37
C ALA A 172 -12.36 -4.24 18.58
N VAL A 173 -12.78 -4.08 17.33
CA VAL A 173 -12.30 -2.99 16.49
C VAL A 173 -12.65 -1.65 17.13
N LEU A 174 -13.84 -1.57 17.73
CA LEU A 174 -14.29 -0.33 18.33
C LEU A 174 -13.51 -0.05 19.59
N ARG A 175 -13.20 -1.10 20.35
CA ARG A 175 -12.45 -0.92 21.59
C ARG A 175 -10.99 -0.59 21.30
N LEU A 176 -10.38 -1.27 20.32
CA LEU A 176 -9.05 -0.90 19.86
C LEU A 176 -9.01 0.57 19.42
N HIS A 177 -10.00 0.98 18.66
CA HIS A 177 -10.03 2.35 18.21
C HIS A 177 -10.06 3.36 19.38
N SER A 178 -10.91 3.11 20.38
CA SER A 178 -10.95 3.96 21.57
C SER A 178 -9.68 4.00 22.36
N ASP A 179 -9.08 2.84 22.56
CA ASP A 179 -7.76 2.76 23.14
C ASP A 179 -6.76 3.68 22.42
N LEU A 180 -6.65 3.52 21.11
CA LEU A 180 -5.67 4.33 20.34
C LEU A 180 -6.02 5.82 20.38
N VAL A 181 -7.28 6.16 20.17
CA VAL A 181 -7.70 7.55 20.11
C VAL A 181 -7.68 8.33 21.43
N LEU A 182 -8.06 7.70 22.52
CA LEU A 182 -8.09 8.40 23.81
C LEU A 182 -6.83 8.33 24.64
N HIS A 183 -5.75 7.78 24.10
CA HIS A 183 -4.47 7.84 24.74
C HIS A 183 -3.44 8.61 23.89
N GLU A 184 -2.31 8.95 24.50
CA GLU A 184 -1.27 9.73 23.85
C GLU A 184 -1.62 11.21 23.83
N SER B 8 31.57 9.85 -0.91
CA SER B 8 30.80 9.11 -1.91
C SER B 8 30.01 7.92 -1.31
N LEU B 9 28.86 7.60 -1.91
CA LEU B 9 27.94 6.57 -1.39
C LEU B 9 27.07 6.03 -2.52
N HIS B 10 27.10 4.71 -2.75
CA HIS B 10 26.48 4.09 -3.94
C HIS B 10 25.53 2.93 -3.65
N LEU B 11 24.53 2.79 -4.51
CA LEU B 11 23.61 1.68 -4.40
C LEU B 11 24.35 0.39 -4.72
N PRO B 12 23.84 -0.74 -4.24
CA PRO B 12 24.38 -2.04 -4.67
C PRO B 12 24.07 -2.32 -6.13
N LYS B 13 24.77 -3.30 -6.70
CA LYS B 13 24.56 -3.69 -8.09
C LYS B 13 23.19 -4.28 -8.27
N TYR B 14 22.55 -3.97 -9.38
CA TYR B 14 21.18 -4.39 -9.60
C TYR B 14 21.02 -5.87 -9.28
N ASP B 15 21.84 -6.69 -9.90
CA ASP B 15 21.80 -8.14 -9.71
C ASP B 15 21.91 -8.58 -8.27
N ASP B 16 22.78 -7.95 -7.50
CA ASP B 16 22.99 -8.38 -6.14
C ASP B 16 21.75 -8.06 -5.33
N PHE B 17 21.17 -6.90 -5.57
CA PHE B 17 19.99 -6.51 -4.83
C PHE B 17 18.85 -7.45 -5.16
N VAL B 18 18.59 -7.66 -6.45
CA VAL B 18 17.54 -8.58 -6.87
C VAL B 18 17.70 -9.97 -6.25
N GLN B 19 18.92 -10.50 -6.26
CA GLN B 19 19.15 -11.81 -5.64
C GLN B 19 18.79 -11.74 -4.17
N SER B 20 19.18 -10.64 -3.53
CA SER B 20 19.03 -10.51 -2.08
C SER B 20 17.56 -10.50 -1.63
N ILE B 21 16.64 -10.22 -2.53
CA ILE B 21 15.26 -10.17 -2.11
C ILE B 21 14.42 -11.25 -2.76
N SER B 22 15.07 -12.21 -3.39
CA SER B 22 14.34 -13.21 -4.17
C SER B 22 13.49 -14.12 -3.29
N VAL B 23 13.97 -14.35 -2.08
CA VAL B 23 13.30 -15.24 -1.15
C VAL B 23 11.93 -14.69 -0.78
N LEU B 24 11.73 -13.38 -0.87
CA LEU B 24 10.45 -12.80 -0.46
C LEU B 24 9.32 -13.04 -1.45
N ALA B 25 9.68 -13.54 -2.62
CA ALA B 25 8.73 -13.73 -3.71
C ALA B 25 7.86 -12.50 -3.94
N LEU B 26 8.48 -11.34 -4.10
CA LEU B 26 7.70 -10.13 -4.37
C LEU B 26 7.04 -10.17 -5.75
N THR B 27 5.93 -9.45 -5.85
CA THR B 27 5.14 -9.39 -7.06
C THR B 27 5.69 -8.37 -8.04
N MET B 28 6.60 -7.53 -7.59
CA MET B 28 7.16 -6.48 -8.44
C MET B 28 8.66 -6.63 -8.60
N SER B 29 9.22 -5.90 -9.55
CA SER B 29 10.65 -5.95 -9.81
C SER B 29 11.48 -5.10 -8.84
N GLY B 30 12.80 -5.34 -8.86
CA GLY B 30 13.68 -4.54 -8.04
C GLY B 30 13.56 -3.06 -8.35
N SER B 31 13.47 -2.73 -9.64
CA SER B 31 13.36 -1.33 -10.01
C SER B 31 12.06 -0.69 -9.50
N GLU B 32 10.95 -1.40 -9.62
CA GLU B 32 9.67 -0.90 -9.15
C GLU B 32 9.67 -0.69 -7.66
N LEU B 33 10.29 -1.62 -6.94
CA LEU B 33 10.41 -1.49 -5.50
C LEU B 33 11.26 -0.28 -5.11
N HIS B 34 12.36 -0.06 -5.83
CA HIS B 34 13.19 1.08 -5.55
C HIS B 34 12.44 2.37 -5.84
N GLY B 35 11.65 2.39 -6.92
CA GLY B 35 10.78 3.53 -7.19
C GLY B 35 9.85 3.83 -6.06
N ILE B 36 9.24 2.79 -5.51
CA ILE B 36 8.31 2.97 -4.41
C ILE B 36 9.03 3.62 -3.21
N MET B 37 10.17 3.06 -2.86
CA MET B 37 10.98 3.59 -1.78
C MET B 37 11.25 5.07 -2.00
N CYS B 38 11.65 5.42 -3.21
CA CYS B 38 11.93 6.80 -3.55
C CYS B 38 10.72 7.70 -3.58
N GLY B 39 9.56 7.16 -3.88
CA GLY B 39 8.31 7.90 -3.72
C GLY B 39 8.05 8.30 -2.28
N TYR B 40 8.16 7.34 -1.38
CA TYR B 40 8.06 7.66 0.02
C TYR B 40 9.13 8.69 0.43
N LEU B 41 10.38 8.51 -0.02
CA LEU B 41 11.45 9.40 0.43
C LEU B 41 11.26 10.83 -0.10
N CYS B 42 10.83 10.92 -1.35
CA CYS B 42 10.57 12.18 -1.99
C CYS B 42 9.52 12.96 -1.19
N ALA B 43 8.52 12.25 -0.70
CA ALA B 43 7.47 12.85 0.09
C ALA B 43 7.81 13.15 1.53
N GLY B 44 8.94 12.65 2.03
CA GLY B 44 9.29 12.89 3.43
C GLY B 44 8.61 11.91 4.33
N ALA B 45 8.07 10.85 3.74
CA ALA B 45 7.33 9.86 4.51
C ALA B 45 8.22 8.68 4.86
N ASP B 46 9.32 8.97 5.55
CA ASP B 46 10.38 7.99 5.76
C ASP B 46 9.87 6.82 6.65
N SER B 47 9.24 7.15 7.78
CA SER B 47 8.71 6.12 8.70
C SER B 47 7.67 5.26 8.02
N GLN B 48 6.83 5.88 7.19
CA GLN B 48 5.77 5.15 6.51
C GLN B 48 6.38 4.19 5.51
N GLY B 49 7.42 4.64 4.81
CA GLY B 49 8.10 3.77 3.87
C GLY B 49 8.72 2.57 4.59
N GLU B 50 9.34 2.84 5.72
CA GLU B 50 9.94 1.79 6.55
C GLU B 50 8.95 0.73 6.96
N ALA B 51 7.73 1.16 7.32
CA ALA B 51 6.72 0.20 7.77
C ALA B 51 6.27 -0.62 6.56
N TYR B 52 6.17 0.03 5.41
CA TYR B 52 5.88 -0.69 4.19
C TYR B 52 6.94 -1.78 3.92
N ILE B 53 8.22 -1.41 3.93
CA ILE B 53 9.30 -2.38 3.65
C ILE B 53 9.24 -3.57 4.64
N ARG B 54 9.05 -3.28 5.92
CA ARG B 54 8.95 -4.34 6.91
C ARG B 54 7.75 -5.25 6.62
N ALA B 55 6.60 -4.66 6.28
CA ALA B 55 5.40 -5.47 5.98
C ALA B 55 5.60 -6.41 4.76
N LEU B 56 6.56 -6.07 3.89
CA LEU B 56 6.86 -6.95 2.75
C LEU B 56 7.34 -8.36 3.19
N LEU B 57 7.83 -8.49 4.41
CA LEU B 57 8.19 -9.82 4.88
C LEU B 57 6.98 -10.67 5.28
N ASN B 58 5.80 -10.05 5.30
CA ASN B 58 4.60 -10.75 5.77
C ASN B 58 4.85 -11.58 7.03
N ASN B 59 5.42 -10.91 8.03
CA ASN B 59 5.74 -11.46 9.36
C ASN B 59 6.73 -12.64 9.45
N LYS B 60 7.39 -13.00 8.36
CA LYS B 60 8.43 -14.04 8.43
C LYS B 60 9.61 -13.54 9.28
N LYS B 61 10.22 -14.45 10.02
CA LYS B 61 11.33 -14.11 10.94
C LYS B 61 12.60 -14.91 10.72
N ASP B 62 12.60 -15.74 9.69
CA ASP B 62 13.70 -16.66 9.43
C ASP B 62 14.88 -15.88 8.88
N GLU B 63 16.05 -16.48 8.95
CA GLU B 63 17.29 -15.80 8.66
C GLU B 63 17.35 -15.18 7.26
N GLN B 64 16.93 -15.95 6.26
CA GLN B 64 16.95 -15.51 4.87
C GLN B 64 16.02 -14.32 4.63
N SER B 65 14.86 -14.33 5.25
CA SER B 65 13.91 -13.22 5.14
C SER B 65 14.46 -12.00 5.85
N ARG B 66 15.07 -12.22 7.03
CA ARG B 66 15.69 -11.12 7.78
C ARG B 66 16.84 -10.49 7.01
N ASN B 67 17.61 -11.28 6.28
CA ASN B 67 18.69 -10.72 5.46
C ASN B 67 18.13 -9.93 4.28
N ALA B 68 17.00 -10.38 3.73
CA ALA B 68 16.33 -9.64 2.67
C ALA B 68 15.92 -8.24 3.15
N LEU B 69 15.42 -8.18 4.39
CA LEU B 69 15.01 -6.94 5.02
C LEU B 69 16.19 -6.01 5.26
N LEU B 70 17.31 -6.58 5.70
CA LEU B 70 18.52 -5.79 5.93
C LEU B 70 18.93 -5.19 4.62
N SER B 71 18.82 -5.98 3.55
CA SER B 71 19.21 -5.49 2.25
C SER B 71 18.29 -4.33 1.78
N MET B 72 16.99 -4.50 1.98
CA MET B 72 16.03 -3.46 1.61
C MET B 72 16.25 -2.17 2.42
N PHE B 73 16.47 -2.31 3.72
CA PHE B 73 16.77 -1.14 4.56
C PHE B 73 18.09 -0.46 4.16
N SER B 74 19.07 -1.23 3.69
CA SER B 74 20.35 -0.65 3.31
C SER B 74 20.14 0.24 2.08
N VAL B 75 19.40 -0.28 1.09
CA VAL B 75 18.99 0.49 -0.07
C VAL B 75 18.12 1.73 0.27
N PHE B 76 17.12 1.57 1.13
CA PHE B 76 16.31 2.69 1.56
C PHE B 76 17.19 3.77 2.22
N SER B 77 18.10 3.36 3.08
CA SER B 77 18.95 4.32 3.74
C SER B 77 19.98 5.02 2.78
N ILE B 78 20.53 4.29 1.82
CA ILE B 78 21.38 4.89 0.81
C ILE B 78 20.61 5.90 -0.03
N SER B 79 19.39 5.55 -0.40
CA SER B 79 18.53 6.44 -1.14
C SER B 79 18.13 7.69 -0.38
N GLN B 80 17.79 7.50 0.88
N GLN B 80 17.80 7.52 0.90
CA GLN B 80 17.46 8.59 1.77
CA GLN B 80 17.45 8.64 1.77
C GLN B 80 18.59 9.63 1.80
C GLN B 80 18.59 9.66 1.81
N GLN B 81 19.81 9.16 1.98
CA GLN B 81 20.98 10.01 1.99
C GLN B 81 21.26 10.70 0.66
N GLN B 82 21.17 9.95 -0.44
CA GLN B 82 21.40 10.52 -1.75
C GLN B 82 20.34 11.59 -2.05
N MET B 83 19.11 11.38 -1.63
CA MET B 83 18.06 12.33 -1.95
C MET B 83 18.12 13.57 -1.06
N ASN B 84 18.71 13.45 0.12
CA ASN B 84 18.72 14.53 1.08
C ASN B 84 20.07 15.27 1.23
N ASN B 85 21.11 14.75 0.59
CA ASN B 85 22.44 15.33 0.64
C ASN B 85 22.90 15.68 -0.76
N PHE B 86 23.00 16.97 -1.03
CA PHE B 86 23.47 17.44 -2.34
C PHE B 86 24.91 17.01 -2.61
N ASP B 87 25.66 16.61 -1.58
CA ASP B 87 27.03 16.16 -1.82
C ASP B 87 27.07 14.76 -2.43
N PHE B 88 25.95 14.02 -2.38
CA PHE B 88 25.88 12.66 -2.94
C PHE B 88 25.03 12.61 -4.20
N GLU B 89 25.46 11.86 -5.19
CA GLU B 89 24.70 11.71 -6.42
C GLU B 89 23.54 10.75 -6.22
N PHE B 90 22.35 11.15 -6.68
CA PHE B 90 21.13 10.31 -6.63
C PHE B 90 21.16 9.28 -7.77
N GLU B 91 20.86 8.03 -7.43
CA GLU B 91 20.85 6.95 -8.42
C GLU B 91 19.45 6.33 -8.44
N MET B 92 19.03 5.87 -9.61
CA MET B 92 17.90 4.97 -9.75
C MET B 92 18.41 3.55 -9.88
N LEU B 93 17.73 2.60 -9.22
CA LEU B 93 18.21 1.21 -9.22
C LEU B 93 17.67 0.52 -10.46
N LEU B 94 18.56 0.33 -11.44
CA LEU B 94 18.22 -0.17 -12.79
C LEU B 94 19.20 -1.25 -13.25
N PRO B 95 18.74 -2.15 -14.14
CA PRO B 95 19.62 -3.21 -14.60
C PRO B 95 20.79 -2.65 -15.38
N ASP B 96 21.89 -3.39 -15.34
CA ASP B 96 23.13 -2.92 -15.92
C ASP B 96 23.05 -2.91 -17.43
N ASP B 97 23.94 -2.13 -18.04
CA ASP B 97 23.95 -1.90 -19.49
C ASP B 97 23.95 -3.18 -20.33
N ASP B 98 24.63 -4.21 -19.85
CA ASP B 98 24.71 -5.49 -20.56
C ASP B 98 23.32 -5.96 -21.00
N GLU B 99 22.33 -5.82 -20.12
CA GLU B 99 20.99 -6.39 -20.35
C GLU B 99 20.34 -5.79 -21.59
N SER B 100 19.26 -6.44 -22.04
CA SER B 100 18.54 -6.02 -23.24
C SER B 100 18.03 -4.58 -23.16
N LEU B 101 17.88 -3.93 -24.33
CA LEU B 101 17.27 -2.61 -24.41
C LEU B 101 15.80 -2.64 -23.95
N VAL B 102 15.02 -3.57 -24.47
CA VAL B 102 13.64 -3.75 -23.99
C VAL B 102 13.60 -3.94 -22.46
N THR B 103 14.48 -4.78 -21.95
CA THR B 103 14.50 -5.10 -20.53
C THR B 103 14.81 -3.86 -19.72
N ARG B 104 15.73 -3.03 -20.20
CA ARG B 104 16.12 -1.85 -19.46
C ARG B 104 15.09 -0.74 -19.59
N ALA B 105 14.36 -0.75 -20.71
CA ALA B 105 13.31 0.23 -20.88
C ALA B 105 12.15 -0.15 -19.99
N GLN B 106 11.95 -1.47 -19.87
CA GLN B 106 10.88 -1.97 -19.05
C GLN B 106 11.11 -1.61 -17.57
N ALA B 107 12.34 -1.81 -17.12
CA ALA B 107 12.71 -1.52 -15.73
C ALA B 107 12.58 -0.02 -15.44
N PHE B 108 13.00 0.83 -16.37
CA PHE B 108 12.80 2.27 -16.21
C PHE B 108 11.32 2.63 -16.01
N SER B 109 10.47 2.05 -16.84
CA SER B 109 9.04 2.29 -16.74
C SER B 109 8.50 1.84 -15.37
N GLU B 110 8.93 0.66 -14.93
CA GLU B 110 8.52 0.11 -13.64
C GLU B 110 9.02 1.01 -12.49
N TRP B 111 10.23 1.57 -12.64
CA TRP B 111 10.78 2.53 -11.67
C TRP B 111 9.83 3.71 -11.50
N CYS B 112 9.41 4.27 -12.63
CA CYS B 112 8.48 5.40 -12.64
C CYS B 112 7.11 5.04 -12.08
N GLU B 113 6.61 3.86 -12.42
CA GLU B 113 5.34 3.41 -11.86
C GLU B 113 5.47 3.30 -10.33
N GLY B 114 6.54 2.65 -9.87
CA GLY B 114 6.76 2.55 -8.44
C GLY B 114 6.82 3.93 -7.78
N PHE B 115 7.56 4.84 -8.42
CA PHE B 115 7.78 6.16 -7.86
C PHE B 115 6.46 6.92 -7.70
N THR B 116 5.68 6.97 -8.76
CA THR B 116 4.42 7.71 -8.72
C THR B 116 3.41 7.04 -7.76
N GLN B 117 3.44 5.71 -7.67
CA GLN B 117 2.62 5.03 -6.66
C GLN B 117 3.03 5.40 -5.22
N GLY B 118 4.32 5.42 -4.94
CA GLY B 118 4.87 5.85 -3.67
C GLY B 118 4.44 7.26 -3.26
N LEU B 119 4.54 8.19 -4.19
CA LEU B 119 4.07 9.53 -3.91
C LEU B 119 2.59 9.47 -3.52
N THR B 120 1.80 8.78 -4.34
CA THR B 120 0.34 8.78 -4.12
C THR B 120 0.01 8.20 -2.72
N ILE B 121 0.64 7.08 -2.41
CA ILE B 121 0.46 6.43 -1.11
C ILE B 121 0.86 7.35 0.07
N ALA B 122 1.90 8.12 -0.13
CA ALA B 122 2.33 9.07 0.88
C ALA B 122 1.51 10.37 0.85
N GLY B 123 0.44 10.44 0.08
CA GLY B 123 -0.45 11.60 0.12
C GLY B 123 0.01 12.77 -0.74
N VAL B 124 0.85 12.50 -1.73
CA VAL B 124 1.33 13.56 -2.61
C VAL B 124 0.86 13.41 -4.05
N GLY B 125 0.07 14.37 -4.49
CA GLY B 125 -0.27 14.50 -5.90
C GLY B 125 -0.04 15.92 -6.39
N MET B 126 -0.61 16.24 -7.55
CA MET B 126 -0.32 17.50 -8.24
C MET B 126 -0.41 18.72 -7.34
N GLU B 127 -1.47 18.79 -6.56
CA GLU B 127 -1.78 19.95 -5.72
C GLU B 127 -0.80 20.18 -4.55
N GLN B 128 -0.04 19.17 -4.15
CA GLN B 128 0.94 19.33 -3.07
C GLN B 128 2.22 20.03 -3.52
N PHE B 129 2.39 20.21 -4.83
CA PHE B 129 3.62 20.77 -5.35
C PHE B 129 3.47 22.26 -5.53
N TYR B 130 4.46 23.02 -5.10
CA TYR B 130 4.40 24.49 -5.21
C TYR B 130 4.75 24.99 -6.62
N GLU B 131 5.74 24.36 -7.27
CA GLU B 131 6.17 24.85 -8.59
C GLU B 131 5.47 24.16 -9.73
N GLU B 132 5.11 24.96 -10.71
CA GLU B 132 4.58 24.52 -11.98
C GLU B 132 5.43 23.44 -12.64
N GLU B 133 6.75 23.65 -12.63
N GLU B 133 6.75 23.59 -12.63
CA GLU B 133 7.72 22.69 -13.17
CA GLU B 133 7.59 22.58 -13.27
C GLU B 133 7.58 21.31 -12.51
C GLU B 133 7.66 21.28 -12.49
N SER B 134 7.31 21.29 -11.21
CA SER B 134 7.21 20.03 -10.48
C SER B 134 5.97 19.31 -10.99
N GLN B 135 4.90 20.07 -11.17
CA GLN B 135 3.67 19.50 -11.64
C GLN B 135 3.80 18.91 -13.04
N ASP B 136 4.54 19.62 -13.91
CA ASP B 136 4.76 19.15 -15.26
C ASP B 136 5.58 17.87 -15.16
N ALA B 137 6.62 17.91 -14.35
CA ALA B 137 7.44 16.72 -14.17
C ALA B 137 6.66 15.50 -13.68
N LEU B 138 5.80 15.70 -12.69
CA LEU B 138 5.05 14.57 -12.18
C LEU B 138 4.23 13.97 -13.32
N GLN B 139 3.62 14.84 -14.12
CA GLN B 139 2.80 14.41 -15.23
C GLN B 139 3.65 13.60 -16.21
N HIS B 140 4.87 14.03 -16.49
CA HIS B 140 5.73 13.25 -17.39
C HIS B 140 6.04 11.88 -16.78
N LEU B 141 6.30 11.87 -15.48
CA LEU B 141 6.66 10.63 -14.83
C LEU B 141 5.51 9.63 -14.90
N MET B 142 4.26 10.13 -14.82
CA MET B 142 3.09 9.24 -14.93
C MET B 142 3.00 8.62 -16.34
N GLU B 143 3.31 9.42 -17.37
CA GLU B 143 3.40 8.90 -18.73
C GLU B 143 4.54 7.88 -18.85
N PHE B 144 5.69 8.13 -18.22
CA PHE B 144 6.80 7.16 -18.35
C PHE B 144 6.41 5.80 -17.74
N ALA B 145 5.53 5.84 -16.72
CA ALA B 145 5.04 4.61 -16.09
C ALA B 145 4.17 3.79 -17.06
N GLU B 146 3.61 4.42 -18.08
CA GLU B 146 2.70 3.72 -19.00
C GLU B 146 3.27 3.75 -20.39
N LEU B 147 4.42 3.12 -20.54
CA LEU B 147 5.26 3.30 -21.69
C LEU B 147 5.44 1.98 -22.43
N ASP B 148 5.28 2.01 -23.76
CA ASP B 148 5.38 0.79 -24.55
C ASP B 148 6.82 0.46 -24.90
N CYS B 149 7.35 -0.60 -24.29
CA CYS B 149 8.77 -0.94 -24.42
C CYS B 149 9.09 -1.82 -25.64
N GLU B 150 8.07 -2.36 -26.29
CA GLU B 150 8.24 -3.24 -27.45
C GLU B 150 8.63 -2.46 -28.70
N SER B 151 8.09 -1.25 -28.82
CA SER B 151 8.34 -0.37 -29.95
C SER B 151 9.80 0.06 -30.03
N LEU B 152 10.51 -0.08 -28.90
CA LEU B 152 11.88 0.43 -28.82
C LEU B 152 12.87 -0.40 -29.66
N GLU B 153 13.33 0.21 -30.74
CA GLU B 153 14.18 -0.47 -31.71
C GLU B 153 15.63 -0.43 -31.30
N VAL B 154 16.22 -1.61 -31.18
CA VAL B 154 17.63 -1.74 -30.86
C VAL B 154 18.38 -0.82 -31.81
N GLY B 155 18.97 0.24 -31.28
CA GLY B 155 19.66 1.23 -32.07
C GLY B 155 19.99 2.45 -31.22
N GLU B 156 20.75 3.38 -31.79
CA GLU B 156 21.21 4.55 -31.04
C GLU B 156 20.13 5.58 -30.75
N GLU B 157 19.15 5.71 -31.65
CA GLU B 157 18.10 6.71 -31.48
C GLU B 157 17.26 6.45 -30.22
N ASP B 158 16.84 5.21 -30.05
CA ASP B 158 16.00 4.83 -28.95
C ASP B 158 16.83 4.63 -27.68
N GLU B 159 18.12 4.33 -27.85
CA GLU B 159 19.01 4.15 -26.71
C GLU B 159 19.26 5.49 -26.05
N ARG B 160 19.43 6.51 -26.86
CA ARG B 160 19.64 7.83 -26.31
C ARG B 160 18.30 8.43 -25.90
N ALA B 161 17.22 7.97 -26.51
CA ALA B 161 15.89 8.38 -26.05
C ALA B 161 15.70 7.91 -24.60
N LEU B 162 16.05 6.65 -24.34
CA LEU B 162 15.88 6.07 -23.02
C LEU B 162 16.78 6.75 -22.02
N MET B 163 18.02 7.01 -22.43
CA MET B 163 18.97 7.63 -21.53
C MET B 163 18.47 9.01 -21.11
N GLU B 164 17.90 9.76 -22.05
CA GLU B 164 17.47 11.13 -21.80
C GLU B 164 16.29 11.22 -20.83
N VAL B 165 15.30 10.34 -20.97
CA VAL B 165 14.17 10.34 -20.03
C VAL B 165 14.58 9.77 -18.68
N SER B 166 15.61 8.94 -18.68
CA SER B 166 16.15 8.39 -17.44
C SER B 166 16.83 9.49 -16.66
N GLU B 167 17.69 10.27 -17.31
CA GLU B 167 18.33 11.42 -16.68
C GLU B 167 17.32 12.50 -16.34
N TYR B 168 16.36 12.78 -17.22
CA TYR B 168 15.29 13.71 -16.84
C TYR B 168 14.60 13.26 -15.55
N THR B 169 14.28 11.97 -15.46
CA THR B 169 13.60 11.46 -14.31
C THR B 169 14.46 11.58 -13.04
N ARG B 170 15.75 11.23 -13.12
CA ARG B 170 16.67 11.31 -11.99
C ARG B 170 16.72 12.72 -11.38
N MET B 171 16.86 13.75 -12.22
CA MET B 171 16.94 15.15 -11.78
C MET B 171 15.59 15.61 -11.26
N ALA B 172 14.53 15.34 -12.01
CA ALA B 172 13.16 15.66 -11.58
C ALA B 172 12.83 15.19 -10.18
N VAL B 173 13.16 13.95 -9.86
CA VAL B 173 12.89 13.46 -8.55
C VAL B 173 13.47 14.36 -7.47
N LEU B 174 14.67 14.85 -7.71
CA LEU B 174 15.35 15.72 -6.73
C LEU B 174 14.65 17.06 -6.58
N ARG B 175 14.23 17.62 -7.72
N ARG B 175 14.25 17.63 -7.73
CA ARG B 175 13.47 18.86 -7.72
CA ARG B 175 13.45 18.85 -7.73
C ARG B 175 12.09 18.73 -7.08
C ARG B 175 12.15 18.66 -6.96
N LEU B 176 11.44 17.58 -7.27
CA LEU B 176 10.16 17.28 -6.60
C LEU B 176 10.36 17.26 -5.09
N HIS B 177 11.46 16.64 -4.69
CA HIS B 177 11.74 16.49 -3.28
C HIS B 177 11.97 17.86 -2.64
N SER B 178 12.77 18.70 -3.31
CA SER B 178 13.12 20.00 -2.76
C SER B 178 11.86 20.88 -2.68
N ASP B 179 10.99 20.80 -3.68
CA ASP B 179 9.70 21.47 -3.67
C ASP B 179 8.87 21.09 -2.45
N LEU B 180 8.74 19.79 -2.16
CA LEU B 180 7.99 19.37 -1.01
C LEU B 180 8.63 19.78 0.31
N VAL B 181 9.93 19.60 0.46
CA VAL B 181 10.60 19.89 1.73
C VAL B 181 10.65 21.39 2.01
N LEU B 182 10.88 22.22 0.98
CA LEU B 182 11.05 23.65 1.19
C LEU B 182 9.77 24.49 1.17
N HIS B 183 8.63 23.85 1.03
CA HIS B 183 7.35 24.52 1.20
C HIS B 183 6.50 23.77 2.27
N GLU B 184 7.07 22.69 2.80
CA GLU B 184 6.71 22.09 4.11
C GLU B 184 6.82 20.56 4.07
#